data_8YVU
#
_entry.id   8YVU
#
_cell.length_a   1.00
_cell.length_b   1.00
_cell.length_c   1.00
_cell.angle_alpha   90.00
_cell.angle_beta   90.00
_cell.angle_gamma   90.00
#
_symmetry.space_group_name_H-M   'P 1'
#
loop_
_entity.id
_entity.type
_entity.pdbx_description
1 polymer 'High affinity immunoglobulin epsilon receptor subunit alpha'
2 polymer 'High affinity immunoglobulin epsilon receptor subunit beta'
3 polymer 'High affinity immunoglobulin epsilon receptor subunit gamma'
4 non-polymer CHOLESTEROL
#
loop_
_entity_poly.entity_id
_entity_poly.type
_entity_poly.pdbx_seq_one_letter_code
_entity_poly.pdbx_strand_id
1 'polypeptide(L)' KYWLQFFIPLLVVILFAVDTGLFISTQQQVTFLLKIK A,E
2 'polypeptide(L)'
;TWLTVLKKEQEFLGVTQILTAMICLCFGTVVCSVLDISHIEGDIFSSFKAGYPFWGAIFFSISGMLSIISERRNATYLVR
GSLGANTASSIAGGTGITILIINLKKSLAYIHIHSCQKFFETKCFMASFSTEIVVMMLFLTILGLGSAVSLTICGAGEEL
;
B,F
3 'polypeptide(L)' PQLCYILDAILFLYGIVLTLLYCRLKIQVRKAAITSYEK C,D,G,H
#
# COMPACT_ATOMS: atom_id res chain seq x y z
N LYS A 1 -0.72 -5.40 -25.21
CA LYS A 1 -0.71 -5.35 -26.67
C LYS A 1 -1.28 -4.01 -27.15
N TYR A 2 -2.54 -3.76 -26.83
CA TYR A 2 -3.17 -2.47 -27.06
C TYR A 2 -3.66 -1.80 -25.78
N TRP A 3 -3.69 -2.52 -24.66
CA TRP A 3 -4.18 -2.02 -23.39
C TRP A 3 -3.12 -1.30 -22.57
N LEU A 4 -2.03 -0.85 -23.18
CA LEU A 4 -0.89 -0.31 -22.45
C LEU A 4 -1.26 0.91 -21.61
N GLN A 5 -2.26 1.67 -22.04
CA GLN A 5 -2.64 2.89 -21.33
C GLN A 5 -3.48 2.56 -20.10
N PHE A 6 -2.90 1.72 -19.24
CA PHE A 6 -3.52 1.36 -17.97
C PHE A 6 -2.55 1.38 -16.79
N PHE A 7 -1.23 1.35 -17.04
CA PHE A 7 -0.25 1.29 -15.96
C PHE A 7 -0.09 2.64 -15.28
N ILE A 8 -0.29 3.75 -16.01
CA ILE A 8 -0.18 5.07 -15.40
C ILE A 8 -1.16 5.27 -14.26
N PRO A 9 -2.46 4.94 -14.39
CA PRO A 9 -3.32 4.93 -13.20
C PRO A 9 -2.88 3.93 -12.15
N LEU A 10 -2.30 2.80 -12.56
CA LEU A 10 -1.92 1.77 -11.59
C LEU A 10 -0.84 2.26 -10.64
N LEU A 11 0.12 3.04 -11.15
CA LEU A 11 1.13 3.58 -10.24
C LEU A 11 0.60 4.74 -9.41
N VAL A 12 -0.25 5.59 -10.00
CA VAL A 12 -0.68 6.77 -9.28
C VAL A 12 -1.66 6.41 -8.16
N VAL A 13 -2.41 5.31 -8.32
CA VAL A 13 -3.33 4.93 -7.25
C VAL A 13 -2.56 4.49 -6.01
N ILE A 14 -1.50 3.72 -6.17
CA ILE A 14 -0.70 3.34 -5.00
C ILE A 14 0.09 4.53 -4.48
N LEU A 15 0.49 5.45 -5.35
CA LEU A 15 1.12 6.68 -4.89
C LEU A 15 0.20 7.47 -3.97
N PHE A 16 -1.06 7.65 -4.38
CA PHE A 16 -1.99 8.37 -3.55
C PHE A 16 -2.36 7.58 -2.28
N ALA A 17 -2.37 6.25 -2.36
CA ALA A 17 -2.62 5.45 -1.17
C ALA A 17 -1.51 5.65 -0.14
N VAL A 18 -0.25 5.61 -0.57
CA VAL A 18 0.84 5.83 0.37
C VAL A 18 0.84 7.28 0.85
N ASP A 19 0.37 8.22 0.04
CA ASP A 19 0.23 9.59 0.51
C ASP A 19 -0.80 9.69 1.63
N THR A 20 -1.94 9.01 1.48
CA THR A 20 -2.93 9.02 2.55
C THR A 20 -2.38 8.36 3.81
N GLY A 21 -1.62 7.27 3.65
CA GLY A 21 -0.99 6.66 4.81
C GLY A 21 -0.04 7.60 5.52
N LEU A 22 0.78 8.31 4.74
CA LEU A 22 1.69 9.30 5.33
C LEU A 22 0.91 10.40 6.04
N PHE A 23 -0.21 10.83 5.45
CA PHE A 23 -1.03 11.86 6.08
C PHE A 23 -1.57 11.38 7.43
N ILE A 24 -2.09 10.16 7.48
CA ILE A 24 -2.67 9.71 8.74
C ILE A 24 -1.59 9.51 9.80
N SER A 25 -0.41 9.01 9.39
CA SER A 25 0.68 8.86 10.34
C SER A 25 1.14 10.20 10.89
N THR A 26 1.31 11.19 10.01
CA THR A 26 1.77 12.50 10.47
C THR A 26 0.69 13.21 11.27
N GLN A 27 -0.59 12.99 10.96
CA GLN A 27 -1.65 13.55 11.78
C GLN A 27 -1.64 12.95 13.18
N GLN A 28 -1.38 11.65 13.27
CA GLN A 28 -1.29 10.98 14.55
C GLN A 28 -0.13 11.56 15.36
N GLN A 29 0.99 11.80 14.69
CA GLN A 29 2.16 12.37 15.35
C GLN A 29 1.96 13.81 15.81
N VAL A 30 1.29 14.61 14.99
CA VAL A 30 1.05 16.01 15.34
C VAL A 30 0.05 16.12 16.48
N THR A 31 -0.97 15.25 16.49
CA THR A 31 -1.93 15.27 17.59
C THR A 31 -1.24 14.98 18.92
N PHE A 32 -0.32 14.02 18.91
CA PHE A 32 0.48 13.74 20.10
C PHE A 32 1.32 14.96 20.47
N LEU A 33 1.90 15.62 19.48
CA LEU A 33 2.72 16.80 19.71
C LEU A 33 1.93 17.92 20.38
N LEU A 34 0.69 18.12 19.93
CA LEU A 34 -0.07 19.30 20.33
C LEU A 34 -0.35 19.31 21.83
N LYS A 35 -0.59 18.13 22.41
CA LYS A 35 -0.97 18.10 23.82
C LYS A 35 0.25 18.30 24.71
N ILE A 36 0.62 19.58 24.87
CA ILE A 36 1.70 19.97 25.76
C ILE A 36 1.26 21.21 26.53
N LYS A 37 1.65 21.28 27.80
CA LYS A 37 1.31 22.41 28.64
C LYS A 37 2.55 22.97 29.33
N THR B 1 24.91 32.42 3.26
CA THR B 1 23.89 31.77 4.08
C THR B 1 23.30 30.57 3.35
N TRP B 2 23.69 30.39 2.08
CA TRP B 2 23.18 29.27 1.30
C TRP B 2 23.62 27.94 1.90
N LEU B 3 24.87 27.86 2.35
CA LEU B 3 25.41 26.60 2.85
C LEU B 3 24.64 26.11 4.07
N THR B 4 24.29 27.02 4.99
CA THR B 4 23.56 26.61 6.19
C THR B 4 22.18 26.07 5.85
N VAL B 5 21.46 26.76 4.96
CA VAL B 5 20.13 26.32 4.58
C VAL B 5 20.20 24.97 3.86
N LEU B 6 21.20 24.79 3.00
CA LEU B 6 21.36 23.51 2.32
C LEU B 6 21.70 22.40 3.29
N LYS B 7 22.55 22.69 4.29
CA LYS B 7 22.95 21.67 5.25
C LYS B 7 21.78 21.24 6.13
N LYS B 8 21.02 22.21 6.65
CA LYS B 8 19.90 21.85 7.52
C LYS B 8 18.81 21.11 6.77
N GLU B 9 18.67 21.40 5.47
CA GLU B 9 17.63 20.80 4.64
C GLU B 9 18.30 19.79 3.70
N GLN B 10 18.50 18.57 4.23
CA GLN B 10 19.29 17.57 3.52
C GLN B 10 18.52 16.29 3.21
N GLU B 11 17.83 15.71 4.20
CA GLU B 11 17.29 14.36 4.01
C GLU B 11 16.11 14.32 3.04
N PHE B 12 15.42 15.44 2.83
CA PHE B 12 14.37 15.47 1.83
C PHE B 12 14.91 15.25 0.44
N LEU B 13 16.15 15.70 0.18
CA LEU B 13 16.79 15.39 -1.09
C LEU B 13 17.01 13.88 -1.23
N GLY B 14 17.39 13.22 -0.13
CA GLY B 14 17.45 11.77 -0.16
C GLY B 14 16.10 11.13 -0.40
N VAL B 15 15.04 11.74 0.16
CA VAL B 15 13.69 11.21 -0.04
C VAL B 15 13.31 11.27 -1.52
N THR B 16 13.57 12.40 -2.17
CA THR B 16 13.24 12.49 -3.59
C THR B 16 14.16 11.61 -4.43
N GLN B 17 15.42 11.43 -4.04
CA GLN B 17 16.30 10.50 -4.74
C GLN B 17 15.76 9.08 -4.67
N ILE B 18 15.37 8.63 -3.48
CA ILE B 18 14.89 7.27 -3.34
C ILE B 18 13.53 7.10 -4.02
N LEU B 19 12.72 8.16 -4.05
CA LEU B 19 11.47 8.09 -4.81
C LEU B 19 11.73 7.92 -6.30
N THR B 20 12.69 8.67 -6.84
CA THR B 20 13.09 8.48 -8.23
C THR B 20 13.57 7.05 -8.48
N ALA B 21 14.43 6.54 -7.60
CA ALA B 21 14.97 5.20 -7.78
C ALA B 21 13.86 4.15 -7.73
N MET B 22 12.91 4.30 -6.80
CA MET B 22 11.84 3.33 -6.67
C MET B 22 10.89 3.38 -7.87
N ILE B 23 10.53 4.59 -8.31
CA ILE B 23 9.60 4.70 -9.43
C ILE B 23 10.24 4.32 -10.75
N CYS B 24 11.58 4.37 -10.83
CA CYS B 24 12.25 3.95 -12.06
C CYS B 24 12.11 2.45 -12.28
N LEU B 25 12.21 1.66 -11.22
CA LEU B 25 12.13 0.21 -11.33
C LEU B 25 10.80 -0.25 -11.90
N CYS B 26 9.69 0.35 -11.44
CA CYS B 26 8.38 -0.09 -11.90
C CYS B 26 8.24 0.12 -13.40
N PHE B 27 8.58 1.31 -13.88
CA PHE B 27 8.52 1.59 -15.31
C PHE B 27 9.43 0.67 -16.09
N GLY B 28 10.67 0.48 -15.61
CA GLY B 28 11.61 -0.37 -16.32
C GLY B 28 11.12 -1.81 -16.43
N THR B 29 10.65 -2.37 -15.33
CA THR B 29 10.22 -3.76 -15.35
C THR B 29 8.96 -3.93 -16.20
N VAL B 30 7.99 -3.02 -16.11
CA VAL B 30 6.79 -3.20 -16.93
C VAL B 30 7.14 -3.09 -18.41
N VAL B 31 7.97 -2.11 -18.79
CA VAL B 31 8.28 -1.91 -20.20
C VAL B 31 9.11 -3.07 -20.73
N CYS B 32 10.05 -3.58 -19.94
CA CYS B 32 10.88 -4.67 -20.40
C CYS B 32 10.23 -6.05 -20.22
N SER B 33 9.06 -6.12 -19.58
CA SER B 33 8.37 -7.38 -19.43
C SER B 33 7.17 -7.54 -20.35
N VAL B 34 6.45 -6.46 -20.66
CA VAL B 34 5.22 -6.60 -21.45
C VAL B 34 5.54 -7.07 -22.87
N LEU B 35 6.59 -6.54 -23.48
CA LEU B 35 6.91 -6.90 -24.86
C LEU B 35 8.42 -6.87 -25.04
N ASP B 36 8.90 -7.65 -26.01
CA ASP B 36 10.32 -7.70 -26.31
C ASP B 36 10.78 -6.34 -26.82
N ILE B 37 12.02 -5.98 -26.48
CA ILE B 37 12.57 -4.66 -26.78
C ILE B 37 13.61 -4.74 -27.91
N SER B 38 13.54 -5.76 -28.76
CA SER B 38 14.47 -5.90 -29.86
C SER B 38 13.81 -6.15 -31.21
N HIS B 39 12.49 -6.20 -31.27
CA HIS B 39 11.76 -6.44 -32.51
C HIS B 39 10.75 -5.32 -32.78
N ILE B 40 11.17 -4.08 -32.58
CA ILE B 40 10.35 -2.92 -32.89
C ILE B 40 10.69 -2.44 -34.29
N GLU B 41 9.67 -2.31 -35.14
CA GLU B 41 9.91 -1.89 -36.52
C GLU B 41 10.51 -0.50 -36.58
N GLY B 42 10.02 0.41 -35.73
CA GLY B 42 10.59 1.75 -35.66
C GLY B 42 11.79 1.89 -34.75
N ASP B 43 12.16 0.81 -34.05
CA ASP B 43 13.27 0.84 -33.09
C ASP B 43 13.10 1.99 -32.10
N ILE B 44 11.89 2.10 -31.56
CA ILE B 44 11.54 3.25 -30.72
C ILE B 44 12.36 3.25 -29.44
N PHE B 45 12.50 2.08 -28.82
CA PHE B 45 13.22 1.98 -27.55
C PHE B 45 14.71 2.23 -27.74
N SER B 46 15.18 3.41 -27.33
CA SER B 46 16.60 3.76 -27.38
C SER B 46 17.14 4.04 -25.99
N SER B 47 16.29 3.91 -24.98
CA SER B 47 16.70 4.14 -23.60
C SER B 47 16.61 2.85 -22.80
N PHE B 48 15.46 2.16 -22.88
CA PHE B 48 15.26 0.90 -22.19
C PHE B 48 16.21 -0.16 -22.75
N LYS B 49 16.51 -0.08 -24.05
CA LYS B 49 17.47 -0.97 -24.67
C LYS B 49 18.89 -0.74 -24.17
N ALA B 50 19.19 0.44 -23.63
CA ALA B 50 20.54 0.75 -23.18
C ALA B 50 20.69 0.59 -21.68
N GLY B 51 19.65 0.06 -21.02
CA GLY B 51 19.77 -0.27 -19.62
C GLY B 51 19.43 0.86 -18.67
N TYR B 52 19.09 2.03 -19.21
CA TYR B 52 18.89 3.24 -18.40
C TYR B 52 17.96 3.04 -17.21
N PRO B 53 16.80 2.39 -17.38
CA PRO B 53 15.97 2.15 -16.18
C PRO B 53 16.67 1.29 -15.13
N PHE B 54 17.52 0.36 -15.55
CA PHE B 54 18.29 -0.46 -14.62
C PHE B 54 19.72 0.03 -14.48
N TRP B 55 20.06 1.16 -15.10
CA TRP B 55 21.37 1.79 -15.00
C TRP B 55 21.48 2.69 -13.78
N GLY B 56 20.41 3.44 -13.49
CA GLY B 56 20.41 4.34 -12.35
C GLY B 56 19.26 4.05 -11.40
N ALA B 57 18.96 2.78 -11.20
CA ALA B 57 17.89 2.34 -10.31
C ALA B 57 18.42 1.97 -8.94
N ILE B 58 19.45 1.14 -8.87
CA ILE B 58 20.11 0.80 -7.62
C ILE B 58 21.33 1.71 -7.51
N PHE B 59 21.30 2.80 -8.29
CA PHE B 59 22.41 3.74 -8.34
C PHE B 59 21.94 5.01 -7.64
N PHE B 60 20.78 5.56 -8.01
CA PHE B 60 20.16 6.62 -7.23
C PHE B 60 19.75 6.11 -5.85
N SER B 61 19.37 4.83 -5.78
CA SER B 61 18.91 4.27 -4.51
C SER B 61 20.01 4.30 -3.46
N ILE B 62 21.24 3.94 -3.85
CA ILE B 62 22.34 3.91 -2.88
C ILE B 62 22.70 5.34 -2.46
N SER B 63 22.64 6.29 -3.38
CA SER B 63 22.91 7.69 -3.01
C SER B 63 21.85 8.20 -2.05
N GLY B 64 20.59 7.89 -2.31
CA GLY B 64 19.53 8.31 -1.40
C GLY B 64 19.67 7.67 -0.02
N MET B 65 20.01 6.38 0.01
CA MET B 65 20.20 5.69 1.28
C MET B 65 21.34 6.32 2.07
N LEU B 66 22.46 6.59 1.40
CA LEU B 66 23.60 7.21 2.08
C LEU B 66 23.23 8.59 2.60
N SER B 67 22.53 9.39 1.79
CA SER B 67 22.15 10.73 2.22
C SER B 67 21.20 10.68 3.41
N ILE B 68 20.24 9.76 3.39
CA ILE B 68 19.29 9.65 4.50
C ILE B 68 20.02 9.24 5.78
N ILE B 69 20.89 8.22 5.68
CA ILE B 69 21.58 7.73 6.86
C ILE B 69 22.61 8.74 7.37
N SER B 70 23.07 9.67 6.52
CA SER B 70 24.10 10.61 6.93
C SER B 70 23.69 11.40 8.17
N GLU B 71 22.52 12.02 8.15
CA GLU B 71 22.09 12.78 9.31
C GLU B 71 21.58 11.88 10.43
N ARG B 72 21.05 10.70 10.07
CA ARG B 72 20.61 9.76 11.10
C ARG B 72 21.80 9.24 11.90
N ARG B 73 22.84 8.78 11.23
CA ARG B 73 24.06 8.30 11.87
C ARG B 73 25.25 9.00 11.22
N ASN B 74 26.06 9.65 12.04
CA ASN B 74 27.24 10.37 11.55
C ASN B 74 28.47 9.47 11.66
N ALA B 75 28.54 8.50 10.76
CA ALA B 75 29.65 7.57 10.72
C ALA B 75 30.92 8.26 10.25
N THR B 76 32.06 7.64 10.57
CA THR B 76 33.35 8.23 10.22
C THR B 76 33.58 8.22 8.73
N TYR B 77 33.29 7.10 8.08
CA TYR B 77 33.58 6.93 6.65
C TYR B 77 32.37 7.15 5.76
N LEU B 78 31.17 7.32 6.32
CA LEU B 78 29.98 7.48 5.50
C LEU B 78 29.96 8.83 4.79
N VAL B 79 30.52 9.86 5.42
CA VAL B 79 30.48 11.19 4.82
C VAL B 79 31.30 11.23 3.54
N ARG B 80 32.41 10.48 3.49
CA ARG B 80 33.20 10.41 2.26
C ARG B 80 32.44 9.66 1.17
N GLY B 81 31.77 8.57 1.53
CA GLY B 81 31.03 7.81 0.53
C GLY B 81 29.84 8.56 -0.03
N SER B 82 29.21 9.40 0.80
CA SER B 82 28.03 10.13 0.34
C SER B 82 28.37 11.07 -0.82
N LEU B 83 29.48 11.80 -0.71
CA LEU B 83 29.86 12.72 -1.78
C LEU B 83 30.16 11.98 -3.07
N GLY B 84 30.88 10.86 -2.98
CA GLY B 84 31.17 10.08 -4.17
C GLY B 84 29.92 9.53 -4.82
N ALA B 85 28.99 9.02 -4.01
CA ALA B 85 27.74 8.52 -4.55
C ALA B 85 26.96 9.64 -5.22
N ASN B 86 26.94 10.83 -4.60
CA ASN B 86 26.19 11.94 -5.17
C ASN B 86 26.79 12.40 -6.50
N THR B 87 28.12 12.49 -6.59
CA THR B 87 28.72 12.93 -7.85
C THR B 87 28.60 11.86 -8.93
N ALA B 88 28.70 10.58 -8.57
CA ALA B 88 28.47 9.52 -9.55
C ALA B 88 27.03 9.55 -10.05
N SER B 89 26.08 9.80 -9.16
CA SER B 89 24.69 9.92 -9.57
C SER B 89 24.49 11.14 -10.47
N SER B 90 25.21 12.22 -10.19
CA SER B 90 25.14 13.39 -11.07
C SER B 90 25.62 13.05 -12.47
N ILE B 91 26.74 12.32 -12.58
CA ILE B 91 27.24 11.92 -13.89
C ILE B 91 26.26 10.99 -14.59
N ALA B 92 25.70 10.04 -13.84
CA ALA B 92 24.73 9.12 -14.42
C ALA B 92 23.50 9.85 -14.93
N GLY B 93 23.00 10.82 -14.17
CA GLY B 93 21.89 11.63 -14.63
C GLY B 93 22.24 12.47 -15.84
N GLY B 94 23.46 13.00 -15.89
CA GLY B 94 23.90 13.75 -17.05
C GLY B 94 23.92 12.92 -18.32
N THR B 95 24.36 11.67 -18.22
CA THR B 95 24.26 10.75 -19.36
C THR B 95 22.83 10.34 -19.69
N GLY B 96 22.01 10.12 -18.66
CA GLY B 96 20.63 9.75 -18.91
C GLY B 96 19.85 10.85 -19.62
N ILE B 97 20.14 12.11 -19.29
CA ILE B 97 19.42 13.20 -19.93
C ILE B 97 19.70 13.21 -21.43
N THR B 98 20.96 13.05 -21.83
CA THR B 98 21.27 13.11 -23.26
C THR B 98 20.78 11.87 -23.99
N ILE B 99 20.82 10.69 -23.36
CA ILE B 99 20.29 9.51 -24.06
C ILE B 99 18.77 9.61 -24.20
N LEU B 100 18.10 10.17 -23.19
CA LEU B 100 16.66 10.38 -23.30
C LEU B 100 16.35 11.42 -24.36
N ILE B 101 17.18 12.46 -24.47
CA ILE B 101 16.97 13.49 -25.48
C ILE B 101 17.09 12.89 -26.88
N ILE B 102 18.10 12.05 -27.10
CA ILE B 102 18.22 11.43 -28.42
C ILE B 102 17.07 10.45 -28.66
N ASN B 103 16.56 9.82 -27.58
CA ASN B 103 15.37 8.98 -27.72
C ASN B 103 14.17 9.79 -28.19
N LEU B 104 13.97 10.98 -27.60
CA LEU B 104 12.93 11.88 -28.08
C LEU B 104 13.16 12.28 -29.52
N LYS B 105 14.41 12.56 -29.88
CA LYS B 105 14.71 12.96 -31.26
C LYS B 105 14.29 11.87 -32.23
N LYS B 106 14.65 10.62 -31.95
CA LYS B 106 14.29 9.53 -32.84
C LYS B 106 12.79 9.23 -32.83
N SER B 107 12.12 9.33 -31.68
CA SER B 107 10.68 9.10 -31.64
C SER B 107 9.94 10.16 -32.44
N LEU B 108 10.35 11.42 -32.31
CA LEU B 108 9.75 12.48 -33.12
C LEU B 108 10.09 12.34 -34.60
N ALA B 109 11.29 11.87 -34.93
CA ALA B 109 11.62 11.60 -36.33
C ALA B 109 10.71 10.51 -36.89
N TYR B 110 10.44 9.47 -36.10
CA TYR B 110 9.51 8.43 -36.51
C TYR B 110 8.11 9.00 -36.74
N ILE B 111 7.51 9.55 -35.69
CA ILE B 111 6.10 9.95 -35.76
C ILE B 111 5.90 11.13 -36.71
N HIS B 112 6.98 11.87 -37.01
CA HIS B 112 6.83 13.15 -37.71
C HIS B 112 6.47 12.96 -39.19
N ILE B 113 7.16 12.05 -39.88
CA ILE B 113 7.13 11.98 -41.33
C ILE B 113 6.34 10.75 -41.77
N HIS B 114 5.07 10.97 -42.12
CA HIS B 114 4.26 10.03 -42.90
C HIS B 114 3.96 8.74 -42.15
N SER B 115 4.51 8.57 -40.95
CA SER B 115 4.28 7.35 -40.20
C SER B 115 2.85 7.27 -39.69
N CYS B 116 2.32 8.40 -39.22
CA CYS B 116 0.96 8.47 -38.68
C CYS B 116 0.46 9.90 -38.77
N GLN B 117 -0.49 10.14 -39.66
CA GLN B 117 -1.15 11.44 -39.71
C GLN B 117 -1.94 11.66 -38.42
N LYS B 118 -2.03 12.91 -38.00
CA LYS B 118 -2.70 13.36 -36.77
C LYS B 118 -2.21 12.50 -35.59
N PHE B 119 -3.04 12.33 -34.58
CA PHE B 119 -2.65 11.61 -33.38
C PHE B 119 -2.64 10.11 -33.63
N PHE B 120 -2.48 9.34 -32.56
CA PHE B 120 -2.28 7.89 -32.64
C PHE B 120 -3.60 7.16 -32.87
N GLU B 121 -3.60 5.84 -32.63
CA GLU B 121 -4.74 4.95 -32.89
C GLU B 121 -4.96 4.74 -34.39
N THR B 122 -3.89 4.84 -35.18
CA THR B 122 -3.94 4.49 -36.59
C THR B 122 -3.07 3.27 -36.90
N LYS B 123 -1.77 3.36 -36.64
CA LYS B 123 -0.89 2.19 -36.77
C LYS B 123 0.17 2.06 -35.69
N CYS B 124 0.47 3.11 -34.93
CA CYS B 124 1.65 3.13 -34.06
C CYS B 124 1.31 3.71 -32.70
N PHE B 125 0.25 3.19 -32.06
CA PHE B 125 -0.08 3.61 -30.70
C PHE B 125 1.10 3.49 -29.77
N MET B 126 1.90 2.42 -29.93
CA MET B 126 3.06 2.22 -29.06
C MET B 126 4.06 3.37 -29.21
N ALA B 127 4.13 4.00 -30.38
CA ALA B 127 5.03 5.13 -30.55
C ALA B 127 4.65 6.28 -29.63
N SER B 128 3.38 6.69 -29.66
CA SER B 128 2.94 7.76 -28.79
C SER B 128 3.05 7.38 -27.32
N PHE B 129 2.72 6.11 -27.00
CA PHE B 129 2.85 5.66 -25.62
C PHE B 129 4.30 5.79 -25.14
N SER B 130 5.25 5.29 -25.93
CA SER B 130 6.65 5.36 -25.54
C SER B 130 7.12 6.82 -25.44
N THR B 131 6.67 7.66 -26.37
CA THR B 131 7.06 9.08 -26.31
C THR B 131 6.58 9.71 -25.02
N GLU B 132 5.32 9.49 -24.65
CA GLU B 132 4.79 10.07 -23.41
C GLU B 132 5.53 9.52 -22.20
N ILE B 133 5.78 8.21 -22.18
CA ILE B 133 6.46 7.61 -21.04
C ILE B 133 7.86 8.18 -20.89
N VAL B 134 8.58 8.33 -22.00
CA VAL B 134 9.94 8.84 -21.91
C VAL B 134 9.96 10.32 -21.56
N VAL B 135 8.96 11.09 -22.00
CA VAL B 135 8.87 12.49 -21.54
C VAL B 135 8.66 12.55 -20.04
N MET B 136 7.76 11.72 -19.52
CA MET B 136 7.54 11.68 -18.07
C MET B 136 8.82 11.29 -17.34
N MET B 137 9.52 10.29 -17.86
CA MET B 137 10.77 9.85 -17.24
C MET B 137 11.82 10.96 -17.29
N LEU B 138 11.88 11.69 -18.40
CA LEU B 138 12.84 12.79 -18.53
C LEU B 138 12.56 13.87 -17.51
N PHE B 139 11.28 14.25 -17.34
CA PHE B 139 10.94 15.27 -16.35
C PHE B 139 11.30 14.80 -14.94
N LEU B 140 10.96 13.54 -14.61
CA LEU B 140 11.26 13.05 -13.28
C LEU B 140 12.76 12.94 -13.05
N THR B 141 13.53 12.59 -14.09
CA THR B 141 14.98 12.53 -13.97
C THR B 141 15.58 13.92 -13.82
N ILE B 142 15.03 14.93 -14.47
CA ILE B 142 15.49 16.31 -14.24
C ILE B 142 15.24 16.70 -12.79
N LEU B 143 14.06 16.36 -12.27
CA LEU B 143 13.76 16.66 -10.88
C LEU B 143 14.74 15.96 -9.93
N GLY B 144 15.05 14.70 -10.21
CA GLY B 144 16.01 13.99 -9.38
C GLY B 144 17.42 14.55 -9.50
N LEU B 145 17.85 14.87 -10.72
CA LEU B 145 19.21 15.33 -10.97
C LEU B 145 19.45 16.70 -10.33
N GLY B 146 18.45 17.58 -10.35
CA GLY B 146 18.61 18.86 -9.67
C GLY B 146 18.90 18.69 -8.20
N SER B 147 18.13 17.83 -7.53
CA SER B 147 18.35 17.55 -6.12
C SER B 147 19.70 16.90 -5.90
N ALA B 148 20.09 15.99 -6.79
CA ALA B 148 21.38 15.31 -6.65
C ALA B 148 22.53 16.31 -6.73
N VAL B 149 22.47 17.23 -7.70
CA VAL B 149 23.53 18.22 -7.83
C VAL B 149 23.53 19.17 -6.64
N SER B 150 22.34 19.55 -6.16
CA SER B 150 22.26 20.41 -4.99
C SER B 150 22.88 19.75 -3.77
N LEU B 151 22.60 18.47 -3.55
CA LEU B 151 23.22 17.74 -2.45
C LEU B 151 24.71 17.60 -2.65
N THR B 152 25.16 17.38 -3.89
CA THR B 152 26.59 17.26 -4.15
C THR B 152 27.33 18.54 -3.80
N ILE B 153 26.77 19.69 -4.18
CA ILE B 153 27.43 20.96 -3.88
C ILE B 153 27.29 21.31 -2.41
N CYS B 154 26.22 20.84 -1.75
CA CYS B 154 26.05 21.12 -0.33
C CYS B 154 27.00 20.30 0.53
N GLY B 155 27.23 19.04 0.16
CA GLY B 155 27.92 18.13 1.05
C GLY B 155 29.36 18.53 1.33
N ALA B 156 30.09 18.95 0.29
CA ALA B 156 31.50 19.26 0.46
C ALA B 156 31.70 20.42 1.46
N GLY B 157 31.27 21.61 1.07
CA GLY B 157 31.28 22.78 1.94
C GLY B 157 32.54 23.03 2.74
N GLU B 158 33.65 22.45 2.31
CA GLU B 158 34.90 22.48 3.06
C GLU B 158 36.00 21.85 2.20
N GLU B 159 37.24 22.17 2.55
CA GLU B 159 38.38 21.57 1.87
C GLU B 159 38.34 20.06 2.00
N LEU B 160 38.48 19.37 0.87
CA LEU B 160 38.42 17.91 0.81
C LEU B 160 37.15 17.37 1.45
N CYS C 4 -12.30 4.28 -17.43
CA CYS C 4 -11.41 5.10 -18.24
C CYS C 4 -11.53 6.57 -17.88
N TYR C 5 -12.36 7.29 -18.65
CA TYR C 5 -12.59 8.70 -18.38
C TYR C 5 -13.25 8.89 -17.03
N ILE C 6 -14.27 8.09 -16.73
CA ILE C 6 -14.91 8.15 -15.41
C ILE C 6 -13.96 7.65 -14.33
N LEU C 7 -13.15 6.64 -14.64
CA LEU C 7 -12.13 6.18 -13.70
C LEU C 7 -11.15 7.29 -13.38
N ASP C 8 -10.76 8.08 -14.39
CA ASP C 8 -9.93 9.26 -14.13
C ASP C 8 -10.68 10.27 -13.27
N ALA C 9 -11.98 10.45 -13.53
CA ALA C 9 -12.75 11.42 -12.76
C ALA C 9 -12.83 11.03 -11.29
N ILE C 10 -12.95 9.74 -10.99
CA ILE C 10 -13.08 9.29 -9.61
C ILE C 10 -11.84 9.62 -8.79
N LEU C 11 -10.67 9.58 -9.43
CA LEU C 11 -9.42 9.92 -8.76
C LEU C 11 -9.03 11.38 -8.98
N PHE C 12 -9.86 12.14 -9.70
CA PHE C 12 -9.56 13.55 -9.95
C PHE C 12 -10.04 14.48 -8.86
N LEU C 13 -10.94 14.03 -7.98
CA LEU C 13 -11.33 14.83 -6.82
C LEU C 13 -10.67 14.37 -5.53
N TYR C 14 -10.05 13.19 -5.53
CA TYR C 14 -9.23 12.77 -4.40
C TYR C 14 -8.18 13.82 -4.07
N GLY C 15 -7.63 14.45 -5.11
CA GLY C 15 -6.64 15.49 -4.88
C GLY C 15 -7.19 16.69 -4.14
N ILE C 16 -8.46 17.04 -4.41
CA ILE C 16 -9.06 18.20 -3.75
C ILE C 16 -9.13 17.98 -2.25
N VAL C 17 -9.67 16.83 -1.83
CA VAL C 17 -9.77 16.55 -0.40
C VAL C 17 -8.39 16.37 0.22
N LEU C 18 -7.45 15.77 -0.52
CA LEU C 18 -6.10 15.60 0.02
C LEU C 18 -5.44 16.95 0.28
N THR C 19 -5.56 17.89 -0.67
CA THR C 19 -5.00 19.21 -0.47
C THR C 19 -5.73 19.97 0.63
N LEU C 20 -7.05 19.77 0.78
CA LEU C 20 -7.78 20.45 1.83
C LEU C 20 -7.31 19.99 3.21
N LEU C 21 -7.18 18.68 3.41
CA LEU C 21 -6.66 18.19 4.68
C LEU C 21 -5.20 18.59 4.87
N TYR C 22 -4.42 18.67 3.79
CA TYR C 22 -3.06 19.18 3.91
C TYR C 22 -3.05 20.62 4.43
N CYS C 23 -3.93 21.46 3.89
CA CYS C 23 -3.99 22.85 4.33
C CYS C 23 -4.47 22.94 5.77
N ARG C 24 -5.44 22.09 6.15
CA ARG C 24 -5.88 22.09 7.54
C ARG C 24 -4.76 21.68 8.48
N LEU C 25 -3.97 20.67 8.09
CA LEU C 25 -2.83 20.27 8.91
C LEU C 25 -1.82 21.42 8.99
N LYS C 26 -1.62 22.14 7.90
CA LYS C 26 -0.70 23.27 7.90
C LYS C 26 -1.16 24.35 8.87
N ILE C 27 -2.44 24.71 8.83
CA ILE C 27 -2.93 25.76 9.72
C ILE C 27 -2.90 25.29 11.17
N GLN C 28 -3.17 24.00 11.40
CA GLN C 28 -3.13 23.48 12.76
C GLN C 28 -1.71 23.48 13.32
N VAL C 29 -0.71 23.09 12.51
CA VAL C 29 0.66 23.11 13.00
C VAL C 29 1.16 24.55 13.14
N ARG C 30 0.68 25.47 12.29
CA ARG C 30 1.01 26.88 12.47
C ARG C 30 0.47 27.40 13.79
N LYS C 31 -0.75 26.98 14.15
CA LYS C 31 -1.29 27.34 15.46
C LYS C 31 -0.44 26.75 16.58
N ALA C 32 0.03 25.52 16.41
CA ALA C 32 0.89 24.88 17.39
C ALA C 32 2.27 25.54 17.42
N PRO D 1 -8.48 16.84 -28.85
CA PRO D 1 -9.54 15.98 -29.38
C PRO D 1 -9.24 14.50 -29.17
N GLN D 2 -8.16 14.22 -28.44
CA GLN D 2 -7.71 12.85 -28.20
C GLN D 2 -7.40 12.67 -26.72
N LEU D 3 -8.37 13.03 -25.87
CA LEU D 3 -8.15 13.18 -24.43
C LEU D 3 -8.05 11.84 -23.72
N CYS D 4 -8.19 11.88 -22.40
CA CYS D 4 -7.96 10.82 -21.40
C CYS D 4 -6.56 10.91 -20.83
N TYR D 5 -5.55 10.40 -21.53
CA TYR D 5 -4.21 10.39 -20.93
C TYR D 5 -3.51 11.74 -21.06
N ILE D 6 -3.90 12.56 -22.03
CA ILE D 6 -3.41 13.93 -22.08
C ILE D 6 -3.83 14.67 -20.81
N LEU D 7 -5.09 14.50 -20.41
CA LEU D 7 -5.55 15.05 -19.13
C LEU D 7 -5.03 14.23 -17.96
N ASP D 8 -4.67 12.97 -18.18
CA ASP D 8 -4.11 12.11 -17.14
C ASP D 8 -2.59 12.27 -17.02
N ALA D 9 -1.97 13.06 -17.89
CA ALA D 9 -0.55 13.35 -17.75
C ALA D 9 -0.26 14.32 -16.62
N ILE D 10 -1.07 15.37 -16.49
CA ILE D 10 -0.86 16.36 -15.43
C ILE D 10 -1.15 15.76 -14.06
N LEU D 11 -2.01 14.74 -14.01
CA LEU D 11 -2.36 14.13 -12.73
C LEU D 11 -1.16 13.42 -12.12
N PHE D 12 -0.23 12.92 -12.95
CA PHE D 12 1.00 12.37 -12.40
C PHE D 12 1.85 13.46 -11.74
N LEU D 13 1.92 14.64 -12.35
CA LEU D 13 2.59 15.77 -11.72
C LEU D 13 1.93 16.13 -10.40
N TYR D 14 0.60 16.15 -10.39
CA TYR D 14 -0.15 16.36 -9.15
C TYR D 14 0.28 15.37 -8.08
N GLY D 15 0.32 14.08 -8.44
CA GLY D 15 0.72 13.06 -7.48
C GLY D 15 2.12 13.24 -6.97
N ILE D 16 3.06 13.58 -7.86
CA ILE D 16 4.45 13.77 -7.44
C ILE D 16 4.57 14.95 -6.50
N VAL D 17 3.89 16.06 -6.83
CA VAL D 17 3.95 17.23 -5.97
C VAL D 17 3.40 16.92 -4.59
N LEU D 18 2.27 16.23 -4.52
CA LEU D 18 1.69 15.91 -3.23
C LEU D 18 2.56 14.93 -2.44
N THR D 19 3.10 13.92 -3.11
CA THR D 19 3.91 12.92 -2.43
C THR D 19 5.26 13.47 -1.99
N LEU D 20 5.72 14.56 -2.58
CA LEU D 20 6.91 15.24 -2.05
C LEU D 20 6.56 16.22 -0.95
N LEU D 21 5.44 16.92 -1.08
CA LEU D 21 5.06 17.91 -0.07
C LEU D 21 4.75 17.24 1.26
N TYR D 22 4.08 16.09 1.24
CA TYR D 22 3.85 15.36 2.48
C TYR D 22 5.16 14.91 3.12
N CYS D 23 6.12 14.44 2.32
CA CYS D 23 7.39 14.04 2.90
C CYS D 23 8.11 15.22 3.55
N ARG D 24 8.12 16.37 2.87
CA ARG D 24 8.75 17.55 3.45
C ARG D 24 8.06 17.95 4.74
N LEU D 25 6.72 17.93 4.76
CA LEU D 25 5.97 18.29 5.96
C LEU D 25 6.27 17.33 7.10
N LYS D 26 6.33 16.03 6.81
CA LYS D 26 6.58 15.05 7.86
C LYS D 26 7.98 15.22 8.45
N ILE D 27 9.00 15.44 7.60
CA ILE D 27 10.34 15.67 8.12
C ILE D 27 10.38 16.94 8.96
N GLN D 28 9.73 18.01 8.48
CA GLN D 28 9.73 19.27 9.21
C GLN D 28 9.07 19.11 10.58
N VAL D 29 7.93 18.40 10.64
CA VAL D 29 7.25 18.26 11.91
C VAL D 29 8.02 17.34 12.85
N ARG D 30 8.69 16.32 12.31
CA ARG D 30 9.55 15.50 13.17
C ARG D 30 10.68 16.33 13.77
N LYS D 31 11.31 17.18 12.95
CA LYS D 31 12.37 18.04 13.45
C LYS D 31 11.85 18.99 14.52
N ALA D 32 10.67 19.58 14.29
CA ALA D 32 10.09 20.48 15.28
C ALA D 32 9.77 19.75 16.58
N ALA D 33 9.23 18.53 16.48
CA ALA D 33 8.94 17.74 17.67
C ALA D 33 10.21 17.43 18.45
N ILE D 34 11.29 17.06 17.75
CA ILE D 34 12.54 16.75 18.42
C ILE D 34 13.09 18.00 19.11
N THR D 35 13.04 19.14 18.42
CA THR D 35 13.57 20.37 19.01
C THR D 35 12.72 20.89 20.16
N SER D 36 11.42 20.59 20.18
CA SER D 36 10.56 21.06 21.25
C SER D 36 10.50 20.13 22.44
N TYR D 37 10.75 18.84 22.23
CA TYR D 37 10.65 17.85 23.30
C TYR D 37 11.92 17.73 24.13
N GLU D 38 13.03 18.30 23.66
CA GLU D 38 14.29 18.18 24.40
C GLU D 38 14.21 18.88 25.75
N LYS D 39 13.49 19.99 25.84
CA LYS D 39 13.36 20.71 27.10
C LYS D 39 12.08 21.55 27.11
N LYS E 1 -10.44 -17.38 -16.85
CA LYS E 1 -10.87 -18.74 -17.17
C LYS E 1 -10.04 -19.76 -16.41
N TYR E 2 -8.71 -19.64 -16.54
CA TYR E 2 -7.79 -20.54 -15.84
C TYR E 2 -6.80 -19.80 -14.95
N TRP E 3 -6.61 -18.50 -15.12
CA TRP E 3 -5.67 -17.75 -14.30
C TRP E 3 -6.26 -17.36 -12.94
N LEU E 4 -7.38 -17.94 -12.55
CA LEU E 4 -8.08 -17.55 -11.32
C LEU E 4 -7.20 -17.76 -10.08
N GLN E 5 -6.31 -18.76 -10.12
CA GLN E 5 -5.45 -19.06 -8.98
C GLN E 5 -4.26 -18.09 -8.99
N PHE E 6 -4.60 -16.80 -8.98
CA PHE E 6 -3.61 -15.73 -8.88
C PHE E 6 -4.01 -14.61 -7.93
N PHE E 7 -5.29 -14.47 -7.57
CA PHE E 7 -5.72 -13.37 -6.73
C PHE E 7 -5.33 -13.57 -5.26
N ILE E 8 -5.20 -14.82 -4.82
CA ILE E 8 -4.83 -15.07 -3.42
C ILE E 8 -3.45 -14.50 -3.10
N PRO E 9 -2.41 -14.74 -3.90
CA PRO E 9 -1.14 -14.02 -3.65
C PRO E 9 -1.27 -12.52 -3.76
N LEU E 10 -2.14 -12.03 -4.65
CA LEU E 10 -2.34 -10.59 -4.79
C LEU E 10 -2.90 -9.98 -3.51
N LEU E 11 -3.77 -10.71 -2.81
CA LEU E 11 -4.31 -10.21 -1.56
C LEU E 11 -3.27 -10.24 -0.46
N VAL E 12 -2.51 -11.34 -0.35
CA VAL E 12 -1.57 -11.45 0.75
C VAL E 12 -0.39 -10.50 0.57
N VAL E 13 0.00 -10.18 -0.66
CA VAL E 13 1.13 -9.26 -0.84
C VAL E 13 0.76 -7.85 -0.38
N ILE E 14 -0.45 -7.38 -0.73
CA ILE E 14 -0.86 -6.06 -0.26
C ILE E 14 -1.14 -6.09 1.24
N LEU E 15 -1.61 -7.22 1.75
CA LEU E 15 -1.78 -7.35 3.19
C LEU E 15 -0.44 -7.20 3.91
N PHE E 16 0.61 -7.85 3.40
CA PHE E 16 1.92 -7.72 4.01
C PHE E 16 2.50 -6.32 3.81
N ALA E 17 2.18 -5.67 2.69
CA ALA E 17 2.65 -4.31 2.47
C ALA E 17 2.07 -3.35 3.51
N VAL E 18 0.74 -3.38 3.67
CA VAL E 18 0.13 -2.50 4.67
C VAL E 18 0.56 -2.94 6.08
N ASP E 19 0.82 -4.23 6.27
CA ASP E 19 1.26 -4.72 7.57
C ASP E 19 2.63 -4.13 7.93
N THR E 20 3.57 -4.15 6.98
CA THR E 20 4.88 -3.61 7.27
C THR E 20 4.84 -2.08 7.34
N GLY E 21 3.90 -1.45 6.65
CA GLY E 21 3.70 -0.02 6.86
C GLY E 21 3.27 0.30 8.28
N LEU E 22 2.29 -0.45 8.78
CA LEU E 22 1.90 -0.31 10.17
C LEU E 22 3.05 -0.64 11.11
N PHE E 23 3.88 -1.62 10.75
CA PHE E 23 5.00 -2.00 11.59
C PHE E 23 6.03 -0.88 11.70
N ILE E 24 6.38 -0.25 10.57
CA ILE E 24 7.34 0.86 10.64
C ILE E 24 6.72 2.06 11.34
N SER E 25 5.41 2.27 11.18
CA SER E 25 4.74 3.33 11.92
C SER E 25 4.88 3.13 13.42
N THR E 26 4.54 1.93 13.91
CA THR E 26 4.62 1.67 15.34
C THR E 26 6.08 1.60 15.80
N GLN E 27 7.01 1.27 14.90
CA GLN E 27 8.42 1.32 15.24
C GLN E 27 8.86 2.75 15.52
N GLN E 28 8.43 3.68 14.69
CA GLN E 28 8.77 5.09 14.88
C GLN E 28 8.07 5.61 16.14
N GLN E 29 6.90 5.06 16.40
CA GLN E 29 6.10 5.45 17.57
C GLN E 29 6.80 5.02 18.86
N VAL E 30 7.33 3.80 18.87
CA VAL E 30 8.01 3.31 20.07
C VAL E 30 9.40 3.93 20.20
N THR E 31 10.03 4.29 19.07
CA THR E 31 11.28 5.05 19.14
C THR E 31 11.07 6.40 19.80
N PHE E 32 9.97 7.07 19.46
CA PHE E 32 9.59 8.29 20.16
C PHE E 32 9.28 8.03 21.62
N LEU E 33 8.62 6.90 21.92
CA LEU E 33 8.25 6.56 23.29
C LEU E 33 9.48 6.40 24.17
N LEU E 34 10.50 5.69 23.67
CA LEU E 34 11.68 5.40 24.48
C LEU E 34 12.53 6.63 24.73
N LYS E 35 12.24 7.75 24.07
CA LYS E 35 12.96 9.01 24.31
C LYS E 35 12.48 9.55 25.65
N ILE E 36 12.96 8.94 26.73
CA ILE E 36 12.51 9.23 28.08
C ILE E 36 13.70 9.16 29.01
N LYS E 37 13.84 10.15 29.89
CA LYS E 37 14.86 10.12 30.92
C LYS E 37 14.20 10.08 32.29
N THR F 1 -13.42 -11.15 37.10
CA THR F 1 -12.29 -10.38 36.55
C THR F 1 -12.36 -10.29 35.04
N TRP F 2 -13.24 -11.11 34.44
CA TRP F 2 -13.41 -11.09 32.99
C TRP F 2 -14.00 -9.77 32.52
N LEU F 3 -14.92 -9.19 33.29
CA LEU F 3 -15.55 -7.94 32.88
C LEU F 3 -14.53 -6.82 32.75
N THR F 4 -13.61 -6.72 33.72
CA THR F 4 -12.61 -5.65 33.67
C THR F 4 -11.68 -5.79 32.48
N VAL F 5 -11.18 -7.00 32.24
CA VAL F 5 -10.23 -7.20 31.13
C VAL F 5 -10.93 -7.01 29.79
N LEU F 6 -12.20 -7.42 29.69
CA LEU F 6 -12.94 -7.16 28.46
C LEU F 6 -13.24 -5.68 28.28
N LYS F 7 -13.45 -4.94 29.37
CA LYS F 7 -13.66 -3.50 29.28
C LYS F 7 -12.40 -2.79 28.83
N LYS F 8 -11.23 -3.25 29.31
CA LYS F 8 -9.98 -2.64 28.89
C LYS F 8 -9.72 -2.85 27.40
N GLU F 9 -10.03 -4.04 26.89
CA GLU F 9 -9.83 -4.36 25.48
C GLU F 9 -11.19 -4.38 24.78
N GLN F 10 -11.50 -3.25 24.13
CA GLN F 10 -12.76 -3.11 23.43
C GLN F 10 -12.58 -2.89 21.92
N GLU F 11 -11.80 -1.88 21.54
CA GLU F 11 -11.75 -1.46 20.15
C GLU F 11 -10.85 -2.33 19.28
N PHE F 12 -9.97 -3.14 19.86
CA PHE F 12 -9.17 -4.05 19.04
C PHE F 12 -10.05 -5.09 18.34
N LEU F 13 -11.07 -5.59 19.04
CA LEU F 13 -12.09 -6.39 18.37
C LEU F 13 -12.78 -5.58 17.28
N GLY F 14 -12.96 -4.28 17.50
CA GLY F 14 -13.43 -3.43 16.43
C GLY F 14 -12.45 -3.35 15.26
N VAL F 15 -11.15 -3.38 15.56
CA VAL F 15 -10.14 -3.37 14.50
C VAL F 15 -10.25 -4.63 13.65
N THR F 16 -10.38 -5.79 14.30
CA THR F 16 -10.54 -7.01 13.52
C THR F 16 -11.89 -7.05 12.80
N GLN F 17 -12.93 -6.43 13.38
CA GLN F 17 -14.22 -6.34 12.71
C GLN F 17 -14.10 -5.53 11.41
N ILE F 18 -13.44 -4.38 11.48
CA ILE F 18 -13.32 -3.54 10.29
C ILE F 18 -12.38 -4.19 9.26
N LEU F 19 -11.37 -4.92 9.73
CA LEU F 19 -10.53 -5.68 8.80
C LEU F 19 -11.35 -6.74 8.08
N THR F 20 -12.21 -7.45 8.81
CA THR F 20 -13.12 -8.41 8.19
C THR F 20 -14.03 -7.74 7.17
N ALA F 21 -14.60 -6.60 7.54
CA ALA F 21 -15.52 -5.90 6.63
C ALA F 21 -14.80 -5.46 5.36
N MET F 22 -13.59 -4.93 5.49
CA MET F 22 -12.84 -4.49 4.31
C MET F 22 -12.43 -5.68 3.45
N ILE F 23 -12.07 -6.80 4.07
CA ILE F 23 -11.55 -7.91 3.26
C ILE F 23 -12.67 -8.70 2.60
N CYS F 24 -13.86 -8.76 3.20
CA CYS F 24 -14.92 -9.59 2.64
C CYS F 24 -15.48 -9.02 1.34
N LEU F 25 -15.30 -7.72 1.10
CA LEU F 25 -15.80 -7.11 -0.13
C LEU F 25 -15.00 -7.57 -1.34
N CYS F 26 -13.69 -7.81 -1.17
CA CYS F 26 -12.84 -8.13 -2.31
C CYS F 26 -13.26 -9.44 -2.98
N PHE F 27 -13.56 -10.47 -2.18
CA PHE F 27 -13.98 -11.74 -2.77
C PHE F 27 -15.27 -11.58 -3.56
N GLY F 28 -16.24 -10.85 -3.00
CA GLY F 28 -17.48 -10.62 -3.73
C GLY F 28 -17.26 -9.89 -5.03
N THR F 29 -16.44 -8.84 -5.00
CA THR F 29 -16.17 -8.07 -6.21
C THR F 29 -15.49 -8.93 -7.27
N VAL F 30 -14.47 -9.69 -6.89
CA VAL F 30 -13.74 -10.47 -7.89
C VAL F 30 -14.62 -11.58 -8.44
N VAL F 31 -15.42 -12.24 -7.59
CA VAL F 31 -16.29 -13.31 -8.06
C VAL F 31 -17.35 -12.75 -9.01
N CYS F 32 -17.95 -11.61 -8.67
CA CYS F 32 -18.97 -11.04 -9.55
C CYS F 32 -18.38 -10.40 -10.79
N SER F 33 -17.08 -10.12 -10.82
CA SER F 33 -16.45 -9.49 -11.97
C SER F 33 -15.87 -10.49 -12.97
N VAL F 34 -15.16 -11.52 -12.49
CA VAL F 34 -14.46 -12.40 -13.41
C VAL F 34 -15.42 -13.24 -14.24
N LEU F 35 -16.53 -13.68 -13.66
CA LEU F 35 -17.46 -14.56 -14.36
C LEU F 35 -18.86 -14.40 -13.78
N ASP F 36 -19.86 -14.64 -14.63
CA ASP F 36 -21.24 -14.54 -14.20
C ASP F 36 -21.64 -15.75 -13.37
N ILE F 37 -22.68 -15.57 -12.55
CA ILE F 37 -23.11 -16.59 -11.60
C ILE F 37 -24.32 -17.38 -12.10
N SER F 38 -25.13 -16.82 -13.00
CA SER F 38 -26.41 -17.41 -13.36
C SER F 38 -26.30 -18.64 -14.24
N HIS F 39 -25.12 -18.98 -14.74
CA HIS F 39 -24.98 -20.10 -15.66
C HIS F 39 -23.90 -21.07 -15.20
N ILE F 40 -23.81 -21.30 -13.89
CA ILE F 40 -22.86 -22.27 -13.36
C ILE F 40 -23.45 -23.66 -13.55
N GLU F 41 -22.73 -24.51 -14.30
CA GLU F 41 -23.21 -25.86 -14.56
C GLU F 41 -23.28 -26.67 -13.28
N GLY F 42 -22.26 -26.57 -12.42
CA GLY F 42 -22.27 -27.29 -11.17
C GLY F 42 -23.11 -26.67 -10.08
N ASP F 43 -23.59 -25.44 -10.29
CA ASP F 43 -24.41 -24.72 -9.32
C ASP F 43 -23.71 -24.60 -7.98
N ILE F 44 -22.38 -24.44 -8.01
CA ILE F 44 -21.60 -24.30 -6.79
C ILE F 44 -21.90 -22.96 -6.12
N PHE F 45 -22.13 -21.91 -6.90
CA PHE F 45 -22.34 -20.58 -6.35
C PHE F 45 -23.76 -20.47 -5.81
N SER F 46 -23.90 -20.61 -4.50
CA SER F 46 -25.17 -20.39 -3.81
C SER F 46 -25.10 -19.29 -2.77
N SER F 47 -24.03 -19.28 -1.95
CA SER F 47 -23.84 -18.18 -1.01
C SER F 47 -23.51 -16.88 -1.74
N PHE F 48 -22.67 -16.96 -2.77
CA PHE F 48 -22.34 -15.77 -3.55
C PHE F 48 -23.51 -15.29 -4.38
N LYS F 49 -24.37 -16.22 -4.82
CA LYS F 49 -25.53 -15.83 -5.61
C LYS F 49 -26.49 -14.96 -4.81
N ALA F 50 -26.55 -15.16 -3.49
CA ALA F 50 -27.41 -14.35 -2.63
C ALA F 50 -26.74 -13.07 -2.16
N GLY F 51 -25.49 -12.84 -2.52
CA GLY F 51 -24.79 -11.64 -2.11
C GLY F 51 -24.54 -11.55 -0.62
N TYR F 52 -24.13 -12.64 0.01
CA TYR F 52 -23.85 -12.61 1.45
C TYR F 52 -22.74 -11.63 1.83
N PRO F 53 -21.60 -11.57 1.13
CA PRO F 53 -20.59 -10.56 1.50
C PRO F 53 -21.14 -9.14 1.44
N PHE F 54 -22.01 -8.85 0.47
CA PHE F 54 -22.65 -7.54 0.44
C PHE F 54 -23.53 -7.32 1.66
N TRP F 55 -24.22 -8.37 2.11
CA TRP F 55 -25.05 -8.25 3.30
C TRP F 55 -24.21 -7.98 4.54
N GLY F 56 -23.08 -8.67 4.67
CA GLY F 56 -22.30 -8.63 5.90
C GLY F 56 -21.25 -7.55 6.00
N ALA F 57 -20.69 -7.10 4.89
CA ALA F 57 -19.61 -6.13 4.93
C ALA F 57 -20.06 -4.81 5.56
N ILE F 58 -21.23 -4.32 5.16
CA ILE F 58 -21.72 -3.05 5.69
C ILE F 58 -21.99 -3.16 7.19
N PHE F 59 -22.62 -4.26 7.62
CA PHE F 59 -22.92 -4.42 9.04
C PHE F 59 -21.64 -4.50 9.86
N PHE F 60 -20.66 -5.28 9.40
CA PHE F 60 -19.42 -5.42 10.14
C PHE F 60 -18.65 -4.10 10.16
N SER F 61 -18.66 -3.36 9.06
CA SER F 61 -17.99 -2.07 9.01
C SER F 61 -18.62 -1.09 9.99
N ILE F 62 -19.95 -1.06 10.03
CA ILE F 62 -20.63 -0.18 10.97
C ILE F 62 -20.29 -0.56 12.40
N SER F 63 -20.32 -1.87 12.70
CA SER F 63 -20.01 -2.32 14.05
C SER F 63 -18.59 -1.92 14.45
N GLY F 64 -17.62 -2.19 13.59
CA GLY F 64 -16.24 -1.88 13.92
C GLY F 64 -15.99 -0.38 14.05
N MET F 65 -16.53 0.41 13.11
CA MET F 65 -16.33 1.86 13.18
C MET F 65 -16.98 2.43 14.43
N LEU F 66 -18.19 1.99 14.76
CA LEU F 66 -18.85 2.48 15.97
C LEU F 66 -18.08 2.09 17.21
N SER F 67 -17.57 0.86 17.26
CA SER F 67 -16.78 0.44 18.42
C SER F 67 -15.50 1.27 18.56
N ILE F 68 -14.83 1.56 17.44
CA ILE F 68 -13.61 2.35 17.49
C ILE F 68 -13.93 3.77 17.96
N ILE F 69 -14.96 4.39 17.39
CA ILE F 69 -15.28 5.77 17.73
C ILE F 69 -15.75 5.88 19.18
N SER F 70 -16.45 4.85 19.69
CA SER F 70 -16.91 4.90 21.07
C SER F 70 -15.75 5.06 22.05
N GLU F 71 -14.68 4.30 21.84
CA GLU F 71 -13.47 4.52 22.65
C GLU F 71 -12.82 5.86 22.31
N ARG F 72 -12.78 6.21 21.03
CA ARG F 72 -12.17 7.48 20.64
C ARG F 72 -12.99 8.66 21.14
N ARG F 73 -14.29 8.66 20.89
CA ARG F 73 -15.19 9.73 21.27
C ARG F 73 -16.32 9.18 22.13
N ASN F 74 -16.57 9.82 23.27
CA ASN F 74 -17.60 9.37 24.20
C ASN F 74 -18.92 10.10 23.96
N ALA F 75 -19.50 9.85 22.79
CA ALA F 75 -20.79 10.44 22.45
C ALA F 75 -21.90 9.79 23.27
N THR F 76 -22.93 10.58 23.57
CA THR F 76 -24.01 10.11 24.43
C THR F 76 -24.81 9.00 23.75
N TYR F 77 -25.25 9.24 22.52
CA TYR F 77 -26.11 8.29 21.82
C TYR F 77 -25.31 7.20 21.10
N LEU F 78 -23.98 7.30 21.06
CA LEU F 78 -23.19 6.33 20.30
C LEU F 78 -23.10 4.99 21.01
N VAL F 79 -23.21 4.98 22.35
CA VAL F 79 -23.07 3.74 23.10
C VAL F 79 -24.18 2.76 22.73
N ARG F 80 -25.43 3.24 22.70
CA ARG F 80 -26.55 2.38 22.34
C ARG F 80 -26.46 1.94 20.89
N GLY F 81 -26.04 2.84 20.00
CA GLY F 81 -25.89 2.48 18.60
C GLY F 81 -24.84 1.40 18.39
N SER F 82 -23.76 1.45 19.17
CA SER F 82 -22.74 0.41 19.06
C SER F 82 -23.30 -0.96 19.43
N LEU F 83 -24.07 -1.03 20.53
CA LEU F 83 -24.68 -2.29 20.91
C LEU F 83 -25.68 -2.77 19.86
N GLY F 84 -26.47 -1.86 19.31
CA GLY F 84 -27.41 -2.24 18.27
C GLY F 84 -26.71 -2.78 17.03
N ALA F 85 -25.63 -2.12 16.60
CA ALA F 85 -24.87 -2.60 15.47
C ALA F 85 -24.23 -3.94 15.75
N ASN F 86 -23.74 -4.13 16.98
CA ASN F 86 -23.16 -5.42 17.35
C ASN F 86 -24.20 -6.54 17.29
N THR F 87 -25.41 -6.28 17.80
CA THR F 87 -26.46 -7.29 17.72
C THR F 87 -26.85 -7.58 16.28
N ALA F 88 -26.98 -6.53 15.45
CA ALA F 88 -27.31 -6.74 14.05
C ALA F 88 -26.25 -7.56 13.34
N SER F 89 -24.97 -7.27 13.60
CA SER F 89 -23.89 -8.04 13.00
C SER F 89 -23.90 -9.48 13.50
N SER F 90 -24.25 -9.68 14.78
CA SER F 90 -24.33 -11.03 15.32
C SER F 90 -25.41 -11.84 14.60
N ILE F 91 -26.59 -11.25 14.40
CA ILE F 91 -27.66 -11.96 13.69
C ILE F 91 -27.26 -12.22 12.24
N ALA F 92 -26.64 -11.23 11.59
CA ALA F 92 -26.19 -11.41 10.21
C ALA F 92 -25.18 -12.54 10.10
N GLY F 93 -24.23 -12.60 11.04
CA GLY F 93 -23.28 -13.69 11.04
C GLY F 93 -23.92 -15.03 11.33
N GLY F 94 -24.90 -15.06 12.24
CA GLY F 94 -25.62 -16.29 12.52
C GLY F 94 -26.34 -16.84 11.32
N THR F 95 -26.94 -15.98 10.51
CA THR F 95 -27.53 -16.42 9.24
C THR F 95 -26.49 -16.81 8.21
N GLY F 96 -25.42 -16.02 8.08
CA GLY F 96 -24.41 -16.31 7.07
C GLY F 96 -23.69 -17.61 7.32
N ILE F 97 -23.47 -17.96 8.58
CA ILE F 97 -22.81 -19.22 8.89
C ILE F 97 -23.62 -20.39 8.36
N THR F 98 -24.93 -20.39 8.59
CA THR F 98 -25.79 -21.44 8.05
C THR F 98 -25.79 -21.41 6.53
N ILE F 99 -25.78 -20.21 5.93
CA ILE F 99 -25.74 -20.11 4.48
C ILE F 99 -24.48 -20.78 3.93
N LEU F 100 -23.33 -20.49 4.51
CA LEU F 100 -22.09 -21.11 4.04
C LEU F 100 -22.04 -22.60 4.34
N ILE F 101 -22.63 -23.04 5.46
CA ILE F 101 -22.69 -24.48 5.72
C ILE F 101 -23.48 -25.19 4.64
N ILE F 102 -24.65 -24.65 4.27
CA ILE F 102 -25.42 -25.32 3.22
C ILE F 102 -24.71 -25.19 1.87
N ASN F 103 -23.97 -24.10 1.65
CA ASN F 103 -23.20 -23.96 0.42
C ASN F 103 -22.13 -25.04 0.32
N LEU F 104 -21.37 -25.26 1.39
CA LEU F 104 -20.38 -26.33 1.39
C LEU F 104 -21.05 -27.69 1.26
N LYS F 105 -22.21 -27.88 1.90
CA LYS F 105 -22.90 -29.16 1.79
C LYS F 105 -23.30 -29.46 0.35
N LYS F 106 -23.81 -28.46 -0.37
CA LYS F 106 -24.19 -28.68 -1.76
C LYS F 106 -22.99 -28.68 -2.70
N SER F 107 -21.86 -28.13 -2.27
CA SER F 107 -20.66 -28.10 -3.12
C SER F 107 -19.83 -29.37 -3.01
N LEU F 108 -19.74 -29.99 -1.83
CA LEU F 108 -18.91 -31.18 -1.68
C LEU F 108 -19.48 -32.37 -2.43
N ALA F 109 -20.80 -32.48 -2.53
CA ALA F 109 -21.41 -33.65 -3.16
C ALA F 109 -21.03 -33.74 -4.63
N TYR F 110 -21.04 -32.61 -5.35
CA TYR F 110 -20.69 -32.62 -6.76
C TYR F 110 -19.25 -33.08 -6.96
N ILE F 111 -18.31 -32.47 -6.23
CA ILE F 111 -16.90 -32.79 -6.40
C ILE F 111 -16.62 -34.23 -6.01
N HIS F 112 -17.33 -34.74 -4.99
CA HIS F 112 -17.04 -36.06 -4.46
C HIS F 112 -17.24 -37.16 -5.49
N ILE F 113 -18.32 -37.09 -6.26
CA ILE F 113 -18.73 -38.20 -7.11
C ILE F 113 -18.60 -37.81 -8.59
N HIS F 114 -17.70 -38.51 -9.29
CA HIS F 114 -17.72 -38.62 -10.75
C HIS F 114 -17.42 -37.31 -11.47
N SER F 115 -17.26 -36.20 -10.72
CA SER F 115 -17.04 -34.91 -11.38
C SER F 115 -15.57 -34.70 -11.70
N CYS F 116 -14.70 -34.83 -10.70
CA CYS F 116 -13.27 -34.61 -10.86
C CYS F 116 -12.53 -35.62 -10.01
N GLN F 117 -11.82 -36.53 -10.65
CA GLN F 117 -11.05 -37.55 -9.94
C GLN F 117 -9.85 -36.89 -9.27
N LYS F 118 -9.65 -37.17 -7.97
CA LYS F 118 -8.57 -36.60 -7.19
C LYS F 118 -8.67 -35.08 -7.16
N PHE F 119 -7.54 -34.39 -7.35
CA PHE F 119 -7.49 -32.95 -7.23
C PHE F 119 -7.91 -32.30 -8.55
N PHE F 120 -7.80 -30.97 -8.60
CA PHE F 120 -8.36 -30.16 -9.68
C PHE F 120 -7.48 -30.15 -10.93
N GLU F 121 -7.75 -29.19 -11.83
CA GLU F 121 -7.09 -29.00 -13.12
C GLU F 121 -7.20 -30.22 -14.02
N THR F 122 -8.30 -30.96 -13.89
CA THR F 122 -8.62 -32.03 -14.83
C THR F 122 -9.87 -31.71 -15.63
N LYS F 123 -11.00 -31.50 -14.95
CA LYS F 123 -12.20 -30.98 -15.60
C LYS F 123 -12.94 -29.94 -14.76
N CYS F 124 -12.66 -29.83 -13.47
CA CYS F 124 -13.51 -29.11 -12.53
C CYS F 124 -12.66 -28.27 -11.58
N PHE F 125 -11.68 -27.56 -12.15
CA PHE F 125 -10.77 -26.76 -11.33
C PHE F 125 -11.47 -25.59 -10.68
N MET F 126 -12.40 -24.95 -11.38
CA MET F 126 -13.04 -23.75 -10.84
C MET F 126 -13.85 -24.05 -9.59
N ALA F 127 -14.45 -25.24 -9.50
CA ALA F 127 -15.17 -25.61 -8.30
C ALA F 127 -14.23 -25.76 -7.11
N SER F 128 -13.06 -26.37 -7.33
CA SER F 128 -12.08 -26.45 -6.25
C SER F 128 -11.60 -25.06 -5.83
N PHE F 129 -11.41 -24.17 -6.81
CA PHE F 129 -11.06 -22.79 -6.49
C PHE F 129 -12.13 -22.14 -5.61
N SER F 130 -13.40 -22.28 -6.00
CA SER F 130 -14.48 -21.69 -5.23
C SER F 130 -14.58 -22.33 -3.85
N THR F 131 -14.32 -23.64 -3.75
CA THR F 131 -14.36 -24.31 -2.47
C THR F 131 -13.29 -23.76 -1.54
N GLU F 132 -12.07 -23.57 -2.05
CA GLU F 132 -11.02 -22.98 -1.22
C GLU F 132 -11.38 -21.57 -0.79
N ILE F 133 -11.93 -20.78 -1.71
CA ILE F 133 -12.31 -19.41 -1.37
C ILE F 133 -13.39 -19.40 -0.30
N VAL F 134 -14.39 -20.28 -0.41
CA VAL F 134 -15.48 -20.25 0.54
C VAL F 134 -15.04 -20.84 1.89
N VAL F 135 -14.09 -21.77 1.90
CA VAL F 135 -13.55 -22.23 3.18
C VAL F 135 -12.79 -21.10 3.87
N MET F 136 -11.99 -20.35 3.11
CA MET F 136 -11.33 -19.18 3.71
C MET F 136 -12.36 -18.17 4.21
N MET F 137 -13.43 -17.95 3.44
CA MET F 137 -14.50 -17.06 3.85
C MET F 137 -15.14 -17.53 5.16
N LEU F 138 -15.40 -18.84 5.27
CA LEU F 138 -16.03 -19.38 6.48
C LEU F 138 -15.11 -19.22 7.68
N PHE F 139 -13.82 -19.54 7.52
CA PHE F 139 -12.89 -19.40 8.63
C PHE F 139 -12.77 -17.95 9.09
N LEU F 140 -12.64 -17.03 8.12
CA LEU F 140 -12.53 -15.61 8.48
C LEU F 140 -13.83 -15.09 9.08
N THR F 141 -14.98 -15.62 8.65
CA THR F 141 -16.25 -15.23 9.23
C THR F 141 -16.39 -15.73 10.65
N ILE F 142 -15.91 -16.95 10.94
CA ILE F 142 -15.88 -17.42 12.32
C ILE F 142 -14.99 -16.52 13.17
N LEU F 143 -13.82 -16.17 12.63
CA LEU F 143 -12.91 -15.28 13.37
C LEU F 143 -13.57 -13.94 13.67
N GLY F 144 -14.27 -13.38 12.70
CA GLY F 144 -14.98 -12.13 12.93
C GLY F 144 -16.14 -12.26 13.90
N LEU F 145 -16.89 -13.36 13.79
CA LEU F 145 -18.08 -13.54 14.62
C LEU F 145 -17.72 -13.78 16.08
N GLY F 146 -16.59 -14.44 16.34
CA GLY F 146 -16.15 -14.58 17.73
C GLY F 146 -15.91 -13.23 18.38
N SER F 147 -15.19 -12.34 17.69
CA SER F 147 -14.99 -10.99 18.19
C SER F 147 -16.31 -10.24 18.30
N ALA F 148 -17.22 -10.48 17.35
CA ALA F 148 -18.51 -9.80 17.37
C ALA F 148 -19.31 -10.18 18.61
N VAL F 149 -19.39 -11.47 18.92
CA VAL F 149 -20.15 -11.90 20.09
C VAL F 149 -19.46 -11.47 21.37
N SER F 150 -18.11 -11.48 21.38
CA SER F 150 -17.40 -11.01 22.56
C SER F 150 -17.67 -9.53 22.82
N LEU F 151 -17.64 -8.72 21.77
CA LEU F 151 -17.94 -7.29 21.93
C LEU F 151 -19.39 -7.08 22.34
N THR F 152 -20.31 -7.87 21.78
CA THR F 152 -21.72 -7.73 22.13
C THR F 152 -21.95 -8.05 23.60
N ILE F 153 -21.34 -9.11 24.11
CA ILE F 153 -21.53 -9.46 25.51
C ILE F 153 -20.81 -8.47 26.42
N CYS F 154 -19.68 -7.91 25.96
CA CYS F 154 -18.93 -6.98 26.80
C CYS F 154 -19.58 -5.60 26.87
N GLY F 155 -20.24 -5.17 25.79
CA GLY F 155 -20.69 -3.79 25.70
C GLY F 155 -21.73 -3.44 26.75
N ALA F 156 -22.71 -4.31 26.95
CA ALA F 156 -23.82 -4.01 27.85
C ALA F 156 -23.31 -3.83 29.28
N GLY F 157 -22.84 -4.90 29.89
CA GLY F 157 -22.25 -4.88 31.23
C GLY F 157 -23.01 -4.09 32.28
N GLU F 158 -24.31 -3.90 32.08
CA GLU F 158 -25.12 -3.06 32.95
C GLU F 158 -26.59 -3.22 32.57
N GLU F 159 -27.47 -2.98 33.54
CA GLU F 159 -28.90 -3.04 33.27
C GLU F 159 -29.30 -1.94 32.29
N LEU F 160 -29.89 -2.34 31.17
CA LEU F 160 -30.31 -1.42 30.12
C LEU F 160 -29.16 -0.54 29.64
N CYS G 4 4.74 -19.18 -10.23
CA CYS G 4 3.66 -19.75 -9.43
C CYS G 4 4.24 -20.57 -8.28
N TYR G 5 4.87 -21.69 -8.62
CA TYR G 5 5.49 -22.53 -7.59
C TYR G 5 6.62 -21.79 -6.88
N ILE G 6 7.39 -21.01 -7.62
CA ILE G 6 8.47 -20.23 -7.00
C ILE G 6 7.97 -18.92 -6.42
N LEU G 7 6.76 -18.48 -6.81
CA LEU G 7 6.25 -17.19 -6.34
C LEU G 7 6.10 -17.18 -4.82
N ASP G 8 5.61 -18.28 -4.25
CA ASP G 8 5.45 -18.35 -2.79
C ASP G 8 6.80 -18.30 -2.07
N ALA G 9 7.88 -18.71 -2.75
CA ALA G 9 9.18 -18.76 -2.11
C ALA G 9 9.67 -17.37 -1.71
N ILE G 10 9.44 -16.38 -2.57
CA ILE G 10 9.90 -15.02 -2.27
C ILE G 10 9.22 -14.48 -1.02
N LEU G 11 7.93 -14.70 -0.90
CA LEU G 11 7.15 -14.14 0.20
C LEU G 11 7.19 -15.02 1.46
N PHE G 12 7.64 -16.26 1.35
CA PHE G 12 7.69 -17.14 2.51
C PHE G 12 8.68 -16.68 3.58
N LEU G 13 9.90 -16.31 3.21
CA LEU G 13 10.85 -15.81 4.20
C LEU G 13 10.56 -14.38 4.61
N TYR G 14 9.67 -13.69 3.88
CA TYR G 14 9.18 -12.39 4.34
C TYR G 14 8.52 -12.52 5.70
N GLY G 15 7.67 -13.52 5.86
CA GLY G 15 7.07 -13.78 7.15
C GLY G 15 8.09 -14.13 8.22
N ILE G 16 9.12 -14.90 7.85
CA ILE G 16 10.14 -15.29 8.82
C ILE G 16 10.90 -14.08 9.32
N VAL G 17 11.31 -13.19 8.40
CA VAL G 17 12.06 -12.02 8.82
C VAL G 17 11.18 -11.05 9.60
N LEU G 18 9.90 -10.92 9.24
CA LEU G 18 9.00 -10.10 10.05
C LEU G 18 8.81 -10.68 11.45
N THR G 19 8.71 -12.00 11.57
CA THR G 19 8.56 -12.60 12.89
C THR G 19 9.82 -12.38 13.74
N LEU G 20 11.00 -12.53 13.13
CA LEU G 20 12.23 -12.30 13.88
C LEU G 20 12.36 -10.84 14.31
N LEU G 21 12.03 -9.92 13.41
CA LEU G 21 12.10 -8.50 13.76
C LEU G 21 11.05 -8.13 14.80
N TYR G 22 9.90 -8.79 14.77
CA TYR G 22 8.93 -8.66 15.86
C TYR G 22 9.48 -9.16 17.18
N CYS G 23 10.21 -10.28 17.16
CA CYS G 23 10.81 -10.77 18.39
C CYS G 23 11.80 -9.75 18.95
N ARG G 24 12.61 -9.16 18.06
CA ARG G 24 13.54 -8.12 18.50
C ARG G 24 12.79 -6.91 19.07
N LEU G 25 11.72 -6.50 18.39
CA LEU G 25 10.95 -5.35 18.88
C LEU G 25 10.33 -5.65 20.25
N LYS G 26 9.81 -6.86 20.42
CA LYS G 26 9.22 -7.25 21.70
C LYS G 26 10.27 -7.24 22.80
N ILE G 27 11.47 -7.78 22.53
CA ILE G 27 12.47 -7.81 23.57
C ILE G 27 12.93 -6.40 23.92
N GLN G 28 13.01 -5.49 22.93
CA GLN G 28 13.49 -4.16 23.25
C GLN G 28 12.39 -3.23 23.77
N VAL G 29 11.11 -3.63 23.67
CA VAL G 29 10.09 -2.89 24.39
C VAL G 29 9.94 -3.43 25.81
N ARG G 30 10.17 -4.73 26.01
CA ARG G 30 10.19 -5.26 27.37
C ARG G 30 11.40 -4.75 28.14
N LYS G 31 12.53 -4.53 27.46
CA LYS G 31 13.66 -3.88 28.11
C LYS G 31 13.33 -2.47 28.55
N ALA G 32 12.60 -1.72 27.72
CA ALA G 32 12.20 -0.36 28.06
C ALA G 32 10.82 -0.34 28.71
N PRO H 1 -1.01 -35.90 -4.93
CA PRO H 1 -0.94 -34.76 -4.00
C PRO H 1 -0.45 -33.49 -4.67
N GLN H 2 -1.38 -32.61 -5.04
CA GLN H 2 -1.02 -31.38 -5.71
C GLN H 2 -0.55 -30.34 -4.69
N LEU H 3 0.62 -29.75 -4.93
CA LEU H 3 1.23 -28.81 -4.02
C LEU H 3 0.68 -27.40 -4.21
N CYS H 4 1.39 -26.41 -3.66
CA CYS H 4 1.11 -24.98 -3.83
C CYS H 4 -0.04 -24.51 -2.97
N TYR H 5 -1.28 -24.72 -3.44
CA TYR H 5 -2.45 -24.14 -2.77
C TYR H 5 -2.57 -24.57 -1.32
N ILE H 6 -2.26 -25.85 -1.03
CA ILE H 6 -2.30 -26.32 0.34
C ILE H 6 -1.25 -25.59 1.17
N LEU H 7 -0.05 -25.43 0.62
CA LEU H 7 0.98 -24.64 1.30
C LEU H 7 0.68 -23.14 1.25
N ASP H 8 -0.14 -22.71 0.30
CA ASP H 8 -0.48 -21.29 0.21
C ASP H 8 -1.50 -20.88 1.26
N ALA H 9 -2.41 -21.79 1.63
CA ALA H 9 -3.44 -21.46 2.60
C ALA H 9 -2.85 -21.15 3.97
N ILE H 10 -1.86 -21.93 4.40
CA ILE H 10 -1.23 -21.66 5.69
C ILE H 10 -0.49 -20.33 5.65
N LEU H 11 0.08 -19.97 4.50
CA LEU H 11 0.68 -18.64 4.35
C LEU H 11 -0.35 -17.53 4.50
N PHE H 12 -1.53 -17.73 3.92
CA PHE H 12 -2.62 -16.75 4.06
C PHE H 12 -3.00 -16.58 5.53
N LEU H 13 -3.24 -17.70 6.22
CA LEU H 13 -3.57 -17.65 7.64
C LEU H 13 -2.48 -16.96 8.44
N TYR H 14 -1.22 -17.26 8.12
CA TYR H 14 -0.10 -16.59 8.78
C TYR H 14 -0.14 -15.09 8.55
N GLY H 15 -0.50 -14.67 7.33
CA GLY H 15 -0.57 -13.25 7.04
C GLY H 15 -1.60 -12.54 7.88
N ILE H 16 -2.82 -13.10 7.96
CA ILE H 16 -3.83 -12.47 8.81
C ILE H 16 -3.40 -12.48 10.28
N VAL H 17 -2.83 -13.59 10.75
CA VAL H 17 -2.41 -13.64 12.16
C VAL H 17 -1.39 -12.55 12.44
N LEU H 18 -0.38 -12.42 11.57
CA LEU H 18 0.67 -11.44 11.79
C LEU H 18 0.13 -10.01 11.74
N THR H 19 -0.71 -9.70 10.76
CA THR H 19 -1.23 -8.33 10.68
C THR H 19 -2.12 -8.00 11.86
N LEU H 20 -2.95 -8.96 12.31
CA LEU H 20 -3.80 -8.72 13.47
C LEU H 20 -2.98 -8.50 14.73
N LEU H 21 -1.94 -9.33 14.92
CA LEU H 21 -1.11 -9.19 16.12
C LEU H 21 -0.33 -7.87 16.10
N TYR H 22 0.16 -7.47 14.92
CA TYR H 22 0.85 -6.18 14.84
C TYR H 22 -0.09 -5.03 15.14
N CYS H 23 -1.34 -5.12 14.67
CA CYS H 23 -2.33 -4.10 15.03
C CYS H 23 -2.55 -4.07 16.53
N ARG H 24 -2.68 -5.26 17.15
CA ARG H 24 -2.84 -5.31 18.60
C ARG H 24 -1.70 -4.59 19.30
N LEU H 25 -0.46 -4.85 18.88
CA LEU H 25 0.67 -4.15 19.49
C LEU H 25 0.63 -2.67 19.22
N LYS H 26 0.12 -2.26 18.05
CA LYS H 26 0.05 -0.83 17.75
C LYS H 26 -0.88 -0.11 18.73
N ILE H 27 -2.08 -0.65 18.95
CA ILE H 27 -2.95 -0.05 19.97
C ILE H 27 -2.31 -0.14 21.35
N GLN H 28 -1.65 -1.26 21.66
CA GLN H 28 -1.05 -1.41 22.98
C GLN H 28 0.00 -0.34 23.24
N VAL H 29 0.88 -0.09 22.25
CA VAL H 29 1.93 0.90 22.42
C VAL H 29 1.36 2.31 22.41
N ARG H 30 0.28 2.54 21.66
CA ARG H 30 -0.35 3.86 21.72
C ARG H 30 -0.91 4.14 23.11
N LYS H 31 -1.58 3.17 23.72
CA LYS H 31 -2.04 3.34 25.10
C LYS H 31 -0.87 3.50 26.06
N ALA H 32 0.21 2.74 25.85
CA ALA H 32 1.37 2.88 26.72
C ALA H 32 1.95 4.30 26.63
N ALA H 33 2.06 4.84 25.41
CA ALA H 33 2.58 6.19 25.25
C ALA H 33 1.67 7.22 25.89
N ILE H 34 0.36 7.09 25.69
CA ILE H 34 -0.55 8.10 26.24
C ILE H 34 -0.59 8.02 27.76
N THR H 35 -0.38 6.82 28.32
CA THR H 35 -0.33 6.69 29.77
C THR H 35 1.02 7.09 30.35
N SER H 36 2.08 7.08 29.53
CA SER H 36 3.39 7.46 30.04
C SER H 36 3.65 8.96 29.95
N TYR H 37 3.29 9.59 28.83
CA TYR H 37 3.56 11.01 28.66
C TYR H 37 2.54 11.92 29.34
N GLU H 38 1.43 11.36 29.84
CA GLU H 38 0.43 12.19 30.51
C GLU H 38 1.00 12.81 31.79
N LYS H 39 2.04 12.21 32.36
CA LYS H 39 2.66 12.74 33.57
C LYS H 39 4.16 12.51 33.56
#